data_7QWF
#
_entry.id   7QWF
#
_cell.length_a   93.876
_cell.length_b   93.876
_cell.length_c   33.033
_cell.angle_alpha   90.000
_cell.angle_beta   90.000
_cell.angle_gamma   120.000
#
_symmetry.space_group_name_H-M   'P 31 2 1'
#
loop_
_entity.id
_entity.type
_entity.pdbx_description
1 polymer 'Bromodomain adjacent to zinc finger domain protein 2A'
2 non-polymer 1-[4-ethyl-2-methyl-5-[2-[2-(methylamino)ethyl]-1,3-thiazol-4-yl]-1~{H}-pyrrol-3-yl]ethanone
3 non-polymer 1,2-ETHANEDIOL
4 non-polymer 'MAGNESIUM ION'
5 water water
#
_entity_poly.entity_id   1
_entity_poly.type   'polypeptide(L)'
_entity_poly.pdbx_seq_one_letter_code
;SMHSDLTFCEIILMEMESHDAAWPFLEPVNPRLVSGYRRIIKNPMDFSTMRERLLRGGYTSSEEFAADALLVFDNCQTFN
EDDSEVGKAGHIMRRFFESRWEEFY
;
_entity_poly.pdbx_strand_id   A
#
# COMPACT_ATOMS: atom_id res chain seq x y z
N MET A 2 6.07 19.88 -7.91
CA MET A 2 5.32 19.04 -6.99
C MET A 2 4.00 18.58 -7.62
N HIS A 3 3.54 19.33 -8.64
CA HIS A 3 2.28 18.98 -9.29
C HIS A 3 2.40 17.63 -10.01
N SER A 4 3.48 17.44 -10.78
CA SER A 4 3.66 16.17 -11.48
C SER A 4 3.86 15.02 -10.50
N ASP A 5 4.60 15.27 -9.40
CA ASP A 5 4.74 14.28 -8.35
C ASP A 5 3.39 13.78 -7.86
N LEU A 6 2.57 14.70 -7.36
CA LEU A 6 1.30 14.30 -6.74
C LEU A 6 0.32 13.75 -7.76
N THR A 7 0.39 14.21 -9.02
CA THR A 7 -0.55 13.73 -10.02
C THR A 7 -0.22 12.30 -10.47
N PHE A 8 1.07 11.99 -10.65
CA PHE A 8 1.36 10.57 -10.90
C PHE A 8 1.06 9.74 -9.67
N CYS A 9 1.27 10.28 -8.47
CA CYS A 9 0.83 9.58 -7.26
C CYS A 9 -0.65 9.22 -7.37
N GLU A 10 -1.46 10.16 -7.84
CA GLU A 10 -2.86 9.86 -8.04
C GLU A 10 -3.05 8.74 -9.07
N ILE A 11 -2.29 8.77 -10.18
CA ILE A 11 -2.46 7.75 -11.21
C ILE A 11 -2.14 6.36 -10.65
N ILE A 12 -0.94 6.22 -10.07
CA ILE A 12 -0.50 4.94 -9.56
C ILE A 12 -1.41 4.47 -8.42
N LEU A 13 -1.92 5.40 -7.60
CA LEU A 13 -2.83 4.99 -6.54
C LEU A 13 -4.13 4.46 -7.12
N MET A 14 -4.71 5.19 -8.08
CA MET A 14 -5.93 4.72 -8.73
C MET A 14 -5.73 3.33 -9.33
N GLU A 15 -4.58 3.12 -9.97
CA GLU A 15 -4.32 1.84 -10.61
C GLU A 15 -4.13 0.73 -9.58
N MET A 16 -3.55 1.06 -8.43
CA MET A 16 -3.45 0.06 -7.38
C MET A 16 -4.82 -0.24 -6.78
N GLU A 17 -5.66 0.79 -6.63
CA GLU A 17 -6.99 0.58 -6.04
C GLU A 17 -7.85 -0.31 -6.90
N SER A 18 -7.77 -0.17 -8.22
CA SER A 18 -8.55 -0.97 -9.16
C SER A 18 -7.82 -2.21 -9.66
N HIS A 19 -6.66 -2.54 -9.10
CA HIS A 19 -5.94 -3.73 -9.52
C HIS A 19 -6.60 -4.98 -8.96
N ASP A 20 -6.61 -6.05 -9.77
CA ASP A 20 -7.20 -7.32 -9.36
C ASP A 20 -6.68 -7.82 -8.01
N ALA A 21 -5.36 -7.73 -7.78
CA ALA A 21 -4.76 -8.26 -6.57
C ALA A 21 -4.86 -7.32 -5.38
N ALA A 22 -5.61 -6.24 -5.50
CA ALA A 22 -5.65 -5.21 -4.46
C ALA A 22 -6.57 -5.55 -3.32
N TRP A 23 -7.43 -6.54 -3.47
CA TRP A 23 -8.47 -6.83 -2.51
C TRP A 23 -7.98 -6.89 -1.04
N PRO A 24 -6.75 -7.35 -0.72
CA PRO A 24 -6.36 -7.33 0.69
C PRO A 24 -6.05 -5.95 1.22
N PHE A 25 -5.83 -4.95 0.37
CA PHE A 25 -5.25 -3.70 0.79
C PHE A 25 -6.17 -2.50 0.62
N LEU A 26 -7.46 -2.72 0.37
CA LEU A 26 -8.38 -1.61 0.12
C LEU A 26 -8.77 -0.91 1.42
N GLU A 27 -8.80 -1.62 2.53
CA GLU A 27 -9.23 -1.06 3.81
C GLU A 27 -8.27 -1.50 4.90
N PRO A 28 -8.24 -0.79 6.04
CA PRO A 28 -7.34 -1.19 7.14
C PRO A 28 -7.56 -2.64 7.55
N VAL A 29 -6.49 -3.31 7.96
CA VAL A 29 -6.66 -4.60 8.60
C VAL A 29 -7.39 -4.40 9.93
N ASN A 30 -8.39 -5.24 10.19
CA ASN A 30 -9.15 -5.20 11.44
C ASN A 30 -8.44 -6.05 12.48
N PRO A 31 -7.78 -5.46 13.47
CA PRO A 31 -7.06 -6.27 14.47
C PRO A 31 -7.96 -7.16 15.30
N ARG A 32 -9.26 -6.87 15.38
CA ARG A 32 -10.14 -7.77 16.09
C ARG A 32 -10.29 -9.08 15.34
N LEU A 33 -10.19 -9.04 14.01
CA LEU A 33 -10.36 -10.23 13.19
C LEU A 33 -9.08 -11.03 13.00
N VAL A 34 -7.92 -10.44 13.17
CA VAL A 34 -6.67 -11.11 12.86
C VAL A 34 -5.85 -11.21 14.14
N SER A 35 -5.75 -12.42 14.68
CA SER A 35 -4.96 -12.66 15.89
C SER A 35 -3.51 -12.24 15.67
N GLY A 36 -2.97 -11.52 16.65
CA GLY A 36 -1.56 -11.15 16.67
C GLY A 36 -1.17 -10.00 15.76
N TYR A 37 -2.11 -9.41 15.01
CA TYR A 37 -1.73 -8.39 14.05
C TYR A 37 -1.24 -7.12 14.74
N ARG A 38 -1.99 -6.66 15.75
CA ARG A 38 -1.64 -5.42 16.44
C ARG A 38 -0.28 -5.54 17.10
N ARG A 39 0.04 -6.75 17.57
CA ARG A 39 1.30 -6.96 18.27
CA ARG A 39 1.30 -6.98 18.28
C ARG A 39 2.49 -6.95 17.33
N ILE A 40 2.31 -7.38 16.09
CA ILE A 40 3.42 -7.52 15.12
C ILE A 40 3.60 -6.28 14.25
N ILE A 41 2.51 -5.69 13.78
CA ILE A 41 2.58 -4.60 12.81
C ILE A 41 2.41 -3.29 13.55
N LYS A 42 3.49 -2.53 13.68
CA LYS A 42 3.46 -1.30 14.46
C LYS A 42 2.78 -0.14 13.73
N ASN A 43 2.96 -0.04 12.41
CA ASN A 43 2.42 1.06 11.63
C ASN A 43 1.61 0.52 10.46
N PRO A 44 0.37 0.11 10.72
CA PRO A 44 -0.48 -0.39 9.64
C PRO A 44 -0.64 0.66 8.56
N MET A 45 -0.93 0.20 7.35
CA MET A 45 -1.15 1.09 6.23
C MET A 45 -1.94 0.33 5.16
N ASP A 46 -2.75 1.07 4.43
CA ASP A 46 -3.64 0.48 3.43
C ASP A 46 -3.96 1.54 2.38
N PHE A 47 -4.60 1.09 1.29
CA PHE A 47 -4.79 2.00 0.17
C PHE A 47 -5.81 3.10 0.49
N SER A 48 -6.86 2.80 1.24
CA SER A 48 -7.84 3.84 1.60
C SER A 48 -7.23 4.91 2.50
N THR A 49 -6.27 4.53 3.37
CA THR A 49 -5.58 5.52 4.20
C THR A 49 -4.68 6.42 3.36
N MET A 50 -3.96 5.83 2.40
CA MET A 50 -3.22 6.64 1.44
C MET A 50 -4.16 7.52 0.62
N ARG A 51 -5.35 7.03 0.34
CA ARG A 51 -6.32 7.81 -0.42
C ARG A 51 -6.76 9.02 0.38
N GLU A 52 -7.17 8.80 1.64
CA GLU A 52 -7.51 9.91 2.53
C GLU A 52 -6.39 10.95 2.56
N ARG A 53 -5.16 10.50 2.85
CA ARG A 53 -4.06 11.45 3.03
C ARG A 53 -3.78 12.20 1.74
N LEU A 54 -3.81 11.51 0.60
CA LEU A 54 -3.52 12.14 -0.67
C LEU A 54 -4.60 13.15 -1.06
N LEU A 55 -5.86 12.83 -0.76
CA LEU A 55 -6.93 13.78 -1.07
C LEU A 55 -6.83 15.01 -0.20
N ARG A 56 -6.56 14.83 1.11
CA ARG A 56 -6.30 15.96 1.99
C ARG A 56 -5.02 16.70 1.62
N GLY A 57 -4.13 16.11 0.84
CA GLY A 57 -2.92 16.77 0.44
C GLY A 57 -1.76 16.59 1.39
N GLY A 58 -1.84 15.61 2.29
CA GLY A 58 -0.86 15.41 3.33
C GLY A 58 0.45 14.80 2.90
N TYR A 59 0.62 14.56 1.60
CA TYR A 59 1.90 14.12 1.04
C TYR A 59 2.62 15.32 0.45
N THR A 60 3.77 15.68 1.03
CA THR A 60 4.55 16.84 0.55
C THR A 60 5.23 16.51 -0.78
N SER A 61 5.87 15.34 -0.87
CA SER A 61 6.54 14.91 -2.08
C SER A 61 6.07 13.52 -2.46
N SER A 62 6.42 13.10 -3.68
CA SER A 62 6.13 11.74 -4.09
C SER A 62 6.85 10.72 -3.23
N GLU A 63 7.98 11.10 -2.63
CA GLU A 63 8.79 10.16 -1.83
C GLU A 63 8.02 9.65 -0.61
N GLU A 64 7.24 10.50 0.04
CA GLU A 64 6.44 10.06 1.18
C GLU A 64 5.34 9.11 0.75
N PHE A 65 4.70 9.41 -0.38
CA PHE A 65 3.74 8.48 -0.98
C PHE A 65 4.36 7.11 -1.20
N ALA A 66 5.59 7.11 -1.73
CA ALA A 66 6.29 5.85 -1.93
C ALA A 66 6.53 5.16 -0.59
N ALA A 67 6.80 5.95 0.46
CA ALA A 67 7.01 5.37 1.78
C ALA A 67 5.76 4.64 2.25
N ASP A 68 4.59 5.26 2.11
CA ASP A 68 3.37 4.60 2.56
C ASP A 68 3.06 3.36 1.74
N ALA A 69 3.21 3.42 0.40
CA ALA A 69 2.96 2.23 -0.40
C ALA A 69 3.89 1.09 0.01
N LEU A 70 5.18 1.39 0.14
CA LEU A 70 6.13 0.36 0.53
C LEU A 70 5.78 -0.21 1.89
N LEU A 71 5.35 0.65 2.81
CA LEU A 71 4.93 0.20 4.12
C LEU A 71 3.77 -0.79 4.03
N VAL A 72 2.84 -0.56 3.09
CA VAL A 72 1.78 -1.54 2.88
C VAL A 72 2.39 -2.90 2.61
N PHE A 73 3.34 -2.95 1.66
CA PHE A 73 3.83 -4.27 1.25
C PHE A 73 4.81 -4.88 2.24
N ASP A 74 5.59 -4.05 2.93
CA ASP A 74 6.44 -4.52 4.01
C ASP A 74 5.60 -5.16 5.11
N ASN A 75 4.55 -4.47 5.57
CA ASN A 75 3.65 -5.09 6.54
C ASN A 75 3.12 -6.42 6.02
N CYS A 76 2.68 -6.42 4.75
CA CYS A 76 2.17 -7.65 4.15
C CYS A 76 3.17 -8.80 4.31
N GLN A 77 4.44 -8.53 4.03
CA GLN A 77 5.45 -9.59 4.06
C GLN A 77 5.87 -9.95 5.47
N THR A 78 5.76 -9.01 6.40
CA THR A 78 6.08 -9.30 7.79
C THR A 78 5.06 -10.26 8.38
N PHE A 79 3.78 -10.03 8.11
CA PHE A 79 2.74 -10.82 8.76
C PHE A 79 2.33 -12.07 7.99
N ASN A 80 2.30 -12.03 6.66
CA ASN A 80 1.72 -13.11 5.86
C ASN A 80 2.81 -13.95 5.21
N GLU A 81 2.58 -15.26 5.21
CA GLU A 81 3.44 -16.18 4.46
C GLU A 81 3.47 -15.79 2.97
N ASP A 82 4.65 -15.97 2.35
CA ASP A 82 4.75 -15.76 0.91
C ASP A 82 3.73 -16.60 0.16
N ASP A 83 3.50 -17.84 0.58
CA ASP A 83 2.56 -18.69 -0.13
C ASP A 83 1.11 -18.55 0.34
N SER A 84 0.82 -17.62 1.25
CA SER A 84 -0.57 -17.35 1.61
C SER A 84 -1.24 -16.54 0.53
N GLU A 85 -2.58 -16.61 0.50
CA GLU A 85 -3.33 -15.84 -0.50
C GLU A 85 -3.00 -14.36 -0.41
N VAL A 86 -3.02 -13.82 0.80
CA VAL A 86 -2.70 -12.40 1.00
C VAL A 86 -1.26 -12.13 0.64
N GLY A 87 -0.35 -13.02 1.00
CA GLY A 87 1.05 -12.82 0.62
C GLY A 87 1.21 -12.79 -0.90
N LYS A 88 0.59 -13.75 -1.59
CA LYS A 88 0.70 -13.78 -3.04
C LYS A 88 0.16 -12.48 -3.65
N ALA A 89 -0.98 -11.99 -3.14
CA ALA A 89 -1.53 -10.74 -3.68
C ALA A 89 -0.60 -9.57 -3.39
N GLY A 90 0.01 -9.58 -2.21
CA GLY A 90 0.98 -8.55 -1.89
C GLY A 90 2.18 -8.54 -2.82
N HIS A 91 2.66 -9.72 -3.19
CA HIS A 91 3.80 -9.77 -4.10
C HIS A 91 3.41 -9.24 -5.47
N ILE A 92 2.25 -9.66 -5.99
CA ILE A 92 1.78 -9.11 -7.28
C ILE A 92 1.64 -7.59 -7.20
N MET A 93 1.18 -7.07 -6.04
CA MET A 93 0.93 -5.63 -5.94
C MET A 93 2.21 -4.84 -5.75
N ARG A 94 3.15 -5.42 -5.02
CA ARG A 94 4.44 -4.78 -4.77
C ARG A 94 5.24 -4.73 -6.07
N ARG A 95 5.40 -5.88 -6.72
CA ARG A 95 6.02 -5.86 -8.05
C ARG A 95 5.33 -4.85 -8.95
N PHE A 96 3.99 -4.81 -8.91
CA PHE A 96 3.28 -3.80 -9.68
C PHE A 96 3.76 -2.39 -9.34
N PHE A 97 3.84 -2.08 -8.04
CA PHE A 97 4.13 -0.71 -7.61
C PHE A 97 5.56 -0.31 -7.95
N GLU A 98 6.53 -1.16 -7.62
CA GLU A 98 7.91 -0.88 -8.02
C GLU A 98 7.97 -0.66 -9.53
N SER A 99 7.28 -1.51 -10.29
CA SER A 99 7.29 -1.38 -11.74
C SER A 99 6.75 -0.01 -12.18
N ARG A 100 5.52 0.32 -11.77
CA ARG A 100 4.90 1.57 -12.19
C ARG A 100 5.68 2.78 -11.71
N TRP A 101 6.28 2.68 -10.53
CA TRP A 101 7.08 3.78 -9.99
C TRP A 101 8.32 4.01 -10.84
N GLU A 102 9.00 2.93 -11.22
CA GLU A 102 10.29 3.08 -11.88
C GLU A 102 10.14 3.57 -13.31
N GLU A 103 9.07 3.19 -13.99
CA GLU A 103 8.93 3.64 -15.36
C GLU A 103 8.54 5.11 -15.46
N PHE A 104 8.36 5.80 -14.34
CA PHE A 104 8.19 7.25 -14.35
C PHE A 104 9.43 7.97 -13.84
N TYR A 105 9.98 7.53 -12.71
CA TYR A 105 11.12 8.18 -12.09
C TYR A 105 12.42 7.43 -12.40
#